data_6B5Q
#
_entry.id   6B5Q
#
_cell.length_a   88.087
_cell.length_b   90.841
_cell.length_c   105.010
_cell.angle_alpha   90.000
_cell.angle_beta   90.000
_cell.angle_gamma   90.000
#
_symmetry.space_group_name_H-M   'C 2 2 21'
#
loop_
_entity.id
_entity.type
_entity.pdbx_description
1 polymer 'DCN1-like protein 1'
2 polymer 'Peptidomimetic Inhibitors DI-591'
3 non-polymer 'TRIETHYLENE GLYCOL'
4 water water
#
loop_
_entity_poly.entity_id
_entity_poly.type
_entity_poly.pdbx_seq_one_letter_code
_entity_poly.pdbx_strand_id
1 'polypeptide(L)'
;MSYYHHHHHHLESTSLYKKAGTMGSLDRKKLEQLYNRYKDPQDENKIGIDGIQQFCDDLALDPASISVLIIAWKFRAATQ
CEFSKQEFMDGMTELGCDSIEKLKAQIPKMEQELKEPGRFKDFYQFTFNFAKNPGQKGLDLEMAIAYWNLVLNGRFKFLD
LWNKFLLEHHKRSIPKDTWNLLLDFSTMIADDMSNYDEEGAWPVLIDDFVEFARPQIAGTKSTTV
;
A,B
2 'polypeptide(L)' (PPI)(CZS)(2KY)(MLY)(1XY) D,E
#
# COMPACT_ATOMS: atom_id res chain seq x y z
N ARG A 28 -24.87 0.15 -8.85
CA ARG A 28 -25.88 1.01 -8.23
C ARG A 28 -25.98 2.37 -8.92
N LYS A 29 -27.21 2.79 -9.19
CA LYS A 29 -27.52 4.05 -9.84
C LYS A 29 -27.42 5.23 -8.86
N LYS A 30 -27.77 4.98 -7.57
CA LYS A 30 -27.70 5.97 -6.49
C LYS A 30 -26.23 6.34 -6.19
N LEU A 31 -25.31 5.39 -6.45
CA LEU A 31 -23.87 5.56 -6.27
C LEU A 31 -23.25 6.36 -7.42
N GLU A 32 -23.71 6.07 -8.66
CA GLU A 32 -23.28 6.76 -9.87
C GLU A 32 -23.74 8.25 -9.82
N GLN A 33 -24.97 8.51 -9.33
CA GLN A 33 -25.55 9.86 -9.18
C GLN A 33 -24.75 10.68 -8.18
N LEU A 34 -24.34 10.05 -7.06
CA LEU A 34 -23.51 10.66 -6.03
C LEU A 34 -22.09 10.90 -6.61
N TYR A 35 -21.62 10.04 -7.55
CA TYR A 35 -20.31 10.24 -8.17
C TYR A 35 -20.25 11.47 -9.07
N ASN A 36 -21.33 11.70 -9.85
CA ASN A 36 -21.51 12.81 -10.81
C ASN A 36 -21.38 14.18 -10.18
N ARG A 37 -21.77 14.26 -8.90
CA ARG A 37 -21.69 15.44 -8.03
C ARG A 37 -20.21 15.85 -7.80
N TYR A 38 -19.26 14.90 -7.90
CA TYR A 38 -17.84 15.17 -7.62
C TYR A 38 -16.91 15.18 -8.83
N LYS A 39 -17.20 14.39 -9.88
CA LYS A 39 -16.32 14.25 -11.05
C LYS A 39 -15.82 15.57 -11.64
N ASP A 40 -14.54 15.58 -12.06
CA ASP A 40 -13.90 16.74 -12.66
C ASP A 40 -14.57 17.03 -14.03
N PRO A 41 -15.02 18.28 -14.30
CA PRO A 41 -15.70 18.56 -15.58
C PRO A 41 -14.89 18.22 -16.84
N GLN A 42 -13.55 18.32 -16.76
CA GLN A 42 -12.66 17.99 -17.86
C GLN A 42 -12.45 16.49 -18.00
N ASP A 43 -12.28 15.78 -16.87
CA ASP A 43 -12.00 14.33 -16.83
C ASP A 43 -13.02 13.58 -16.00
N GLU A 44 -14.03 12.97 -16.65
CA GLU A 44 -15.11 12.21 -16.02
C GLU A 44 -14.66 11.07 -15.09
N ASN A 45 -13.46 10.49 -15.32
CA ASN A 45 -12.94 9.34 -14.56
C ASN A 45 -12.14 9.70 -13.30
N LYS A 46 -11.98 11.01 -13.02
CA LYS A 46 -11.29 11.48 -11.83
C LYS A 46 -12.18 12.51 -11.13
N ILE A 47 -11.89 12.75 -9.84
CA ILE A 47 -12.50 13.78 -9.01
C ILE A 47 -11.34 14.78 -8.76
N GLY A 48 -11.56 16.06 -9.06
CA GLY A 48 -10.52 17.06 -8.88
C GLY A 48 -10.56 17.67 -7.49
N ILE A 49 -9.75 18.72 -7.30
CA ILE A 49 -9.61 19.52 -6.08
C ILE A 49 -11.02 19.91 -5.57
N ASP A 50 -11.85 20.52 -6.46
CA ASP A 50 -13.21 20.97 -6.14
C ASP A 50 -14.13 19.84 -5.71
N GLY A 51 -14.06 18.72 -6.42
CA GLY A 51 -14.84 17.52 -6.11
C GLY A 51 -14.45 16.88 -4.80
N ILE A 52 -13.13 16.78 -4.51
CA ILE A 52 -12.64 16.19 -3.26
C ILE A 52 -13.05 17.12 -2.11
N GLN A 53 -12.89 18.45 -2.32
CA GLN A 53 -13.32 19.45 -1.34
C GLN A 53 -14.85 19.31 -1.07
N GLN A 54 -15.65 19.05 -2.12
CA GLN A 54 -17.10 18.89 -2.00
C GLN A 54 -17.47 17.67 -1.14
N PHE A 55 -16.77 16.56 -1.36
CA PHE A 55 -16.95 15.28 -0.68
C PHE A 55 -16.71 15.40 0.83
N CYS A 56 -15.64 16.12 1.24
CA CYS A 56 -15.28 16.33 2.65
C CYS A 56 -16.30 17.24 3.36
N ASP A 57 -16.81 18.23 2.62
CA ASP A 57 -17.81 19.18 3.11
C ASP A 57 -19.13 18.48 3.37
N ASP A 58 -19.58 17.62 2.44
CA ASP A 58 -20.79 16.79 2.57
C ASP A 58 -20.68 15.88 3.81
N LEU A 59 -19.45 15.38 4.11
CA LEU A 59 -19.13 14.57 5.28
C LEU A 59 -18.89 15.44 6.54
N ALA A 60 -18.95 16.78 6.41
CA ALA A 60 -18.72 17.79 7.47
C ALA A 60 -17.33 17.62 8.11
N LEU A 61 -16.31 17.42 7.26
CA LEU A 61 -14.92 17.22 7.66
C LEU A 61 -13.96 18.10 6.90
N ASP A 62 -12.85 18.45 7.56
CA ASP A 62 -11.77 19.24 6.98
CA ASP A 62 -11.75 19.24 6.97
C ASP A 62 -11.03 18.35 5.95
N PRO A 63 -10.78 18.84 4.70
CA PRO A 63 -10.09 18.00 3.72
C PRO A 63 -8.70 17.49 4.10
N ALA A 64 -8.01 18.19 5.01
CA ALA A 64 -6.67 17.85 5.50
C ALA A 64 -6.70 17.28 6.94
N SER A 65 -7.87 16.82 7.40
CA SER A 65 -7.98 16.27 8.75
C SER A 65 -7.59 14.80 8.83
N ILE A 66 -7.34 14.31 10.06
CA ILE A 66 -7.02 12.90 10.34
C ILE A 66 -8.21 11.98 9.96
N SER A 67 -9.47 12.45 10.13
CA SER A 67 -10.68 11.65 9.78
C SER A 67 -10.73 11.38 8.28
N VAL A 68 -10.38 12.37 7.45
CA VAL A 68 -10.36 12.24 5.98
C VAL A 68 -9.22 11.33 5.54
N LEU A 69 -8.07 11.37 6.26
CA LEU A 69 -6.93 10.49 5.98
C LEU A 69 -7.35 9.02 6.26
N ILE A 70 -8.12 8.81 7.35
CA ILE A 70 -8.68 7.51 7.73
C ILE A 70 -9.65 7.02 6.62
N ILE A 71 -10.49 7.94 6.09
CA ILE A 71 -11.42 7.66 4.98
C ILE A 71 -10.61 7.25 3.72
N ALA A 72 -9.51 7.98 3.40
CA ALA A 72 -8.65 7.67 2.24
C ALA A 72 -8.05 6.29 2.38
N TRP A 73 -7.64 5.93 3.62
CA TRP A 73 -7.11 4.60 3.94
C TRP A 73 -8.18 3.52 3.63
N LYS A 74 -9.42 3.74 4.08
CA LYS A 74 -10.54 2.81 3.86
C LYS A 74 -10.93 2.72 2.39
N PHE A 75 -10.64 3.77 1.60
CA PHE A 75 -10.93 3.83 0.17
C PHE A 75 -9.72 3.33 -0.59
N ARG A 76 -8.64 2.91 0.13
CA ARG A 76 -7.35 2.46 -0.42
C ARG A 76 -6.83 3.51 -1.47
N ALA A 77 -7.10 4.83 -1.24
CA ALA A 77 -6.70 5.88 -2.20
C ALA A 77 -5.20 5.83 -2.46
N ALA A 78 -4.80 6.01 -3.71
CA ALA A 78 -3.37 5.92 -4.03
C ALA A 78 -2.57 7.16 -3.61
N THR A 79 -3.13 8.36 -3.84
CA THR A 79 -2.36 9.59 -3.63
C THR A 79 -3.22 10.70 -3.10
N GLN A 80 -2.66 11.51 -2.16
CA GLN A 80 -3.33 12.68 -1.63
C GLN A 80 -3.65 13.64 -2.79
N CYS A 81 -4.87 14.21 -2.76
CA CYS A 81 -5.38 15.20 -3.71
C CYS A 81 -5.77 14.59 -5.07
N GLU A 82 -5.88 13.26 -5.11
CA GLU A 82 -6.26 12.48 -6.28
C GLU A 82 -7.30 11.49 -5.80
N PHE A 83 -8.40 11.33 -6.54
CA PHE A 83 -9.49 10.43 -6.18
C PHE A 83 -10.16 10.00 -7.47
N SER A 84 -9.91 8.77 -7.89
CA SER A 84 -10.45 8.32 -9.16
C SER A 84 -11.89 7.74 -9.03
N LYS A 85 -12.57 7.56 -10.17
CA LYS A 85 -13.90 6.94 -10.27
C LYS A 85 -13.82 5.51 -9.72
N GLN A 86 -12.78 4.75 -10.11
CA GLN A 86 -12.52 3.39 -9.61
C GLN A 86 -12.43 3.41 -8.07
N GLU A 87 -11.55 4.26 -7.48
CA GLU A 87 -11.42 4.36 -6.00
C GLU A 87 -12.76 4.71 -5.30
N PHE A 88 -13.46 5.75 -5.79
CA PHE A 88 -14.76 6.17 -5.25
C PHE A 88 -15.79 5.03 -5.32
N MET A 89 -16.02 4.47 -6.52
CA MET A 89 -17.00 3.40 -6.74
C MET A 89 -16.70 2.15 -5.95
N ASP A 90 -15.46 1.61 -6.06
CA ASP A 90 -15.05 0.41 -5.34
C ASP A 90 -15.07 0.57 -3.83
N GLY A 91 -14.63 1.72 -3.34
CA GLY A 91 -14.58 2.03 -1.91
C GLY A 91 -15.96 2.10 -1.28
N MET A 92 -16.89 2.79 -1.95
CA MET A 92 -18.27 2.92 -1.48
C MET A 92 -18.97 1.57 -1.51
N THR A 93 -18.76 0.78 -2.58
CA THR A 93 -19.31 -0.57 -2.73
C THR A 93 -18.77 -1.45 -1.60
N GLU A 94 -17.43 -1.47 -1.40
CA GLU A 94 -16.81 -2.26 -0.33
C GLU A 94 -17.35 -1.90 1.06
N LEU A 95 -17.58 -0.61 1.32
CA LEU A 95 -18.09 -0.12 2.59
C LEU A 95 -19.63 -0.22 2.71
N GLY A 96 -20.28 -0.74 1.65
CA GLY A 96 -21.73 -0.92 1.58
C GLY A 96 -22.52 0.36 1.64
N CYS A 97 -21.95 1.45 1.08
CA CYS A 97 -22.51 2.80 1.07
C CYS A 97 -22.92 3.29 -0.30
N ASP A 98 -24.15 3.82 -0.42
CA ASP A 98 -24.67 4.41 -1.66
C ASP A 98 -25.12 5.86 -1.42
N SER A 99 -24.78 6.40 -0.23
CA SER A 99 -25.10 7.75 0.20
C SER A 99 -24.00 8.26 1.14
N ILE A 100 -23.89 9.58 1.28
CA ILE A 100 -22.88 10.22 2.16
C ILE A 100 -23.18 9.92 3.63
N GLU A 101 -24.47 9.92 4.02
CA GLU A 101 -24.96 9.61 5.37
C GLU A 101 -24.56 8.20 5.82
N LYS A 102 -24.65 7.20 4.91
CA LYS A 102 -24.23 5.82 5.17
C LYS A 102 -22.72 5.79 5.42
N LEU A 103 -21.95 6.55 4.63
CA LEU A 103 -20.49 6.65 4.79
C LEU A 103 -20.13 7.37 6.10
N LYS A 104 -20.85 8.46 6.42
CA LYS A 104 -20.71 9.28 7.64
C LYS A 104 -20.89 8.41 8.88
N ALA A 105 -21.82 7.44 8.83
CA ALA A 105 -22.14 6.50 9.92
C ALA A 105 -21.04 5.46 10.14
N GLN A 106 -20.31 5.10 9.06
CA GLN A 106 -19.22 4.14 9.11
C GLN A 106 -17.94 4.71 9.76
N ILE A 107 -17.79 6.07 9.78
CA ILE A 107 -16.60 6.78 10.30
C ILE A 107 -16.21 6.31 11.73
N PRO A 108 -17.11 6.23 12.76
CA PRO A 108 -16.66 5.73 14.09
C PRO A 108 -16.11 4.30 14.05
N LYS A 109 -16.68 3.43 13.18
CA LYS A 109 -16.22 2.04 12.99
C LYS A 109 -14.81 2.02 12.39
N MET A 110 -14.51 2.97 11.47
CA MET A 110 -13.18 3.11 10.83
C MET A 110 -12.14 3.48 11.90
N GLU A 111 -12.49 4.46 12.77
CA GLU A 111 -11.68 4.99 13.88
C GLU A 111 -11.32 3.88 14.87
N GLN A 112 -12.32 3.08 15.27
CA GLN A 112 -12.20 1.96 16.21
C GLN A 112 -11.26 0.88 15.68
N GLU A 113 -11.35 0.57 14.37
CA GLU A 113 -10.50 -0.41 13.67
C GLU A 113 -9.00 -0.14 13.94
N LEU A 114 -8.62 1.13 14.18
CA LEU A 114 -7.25 1.55 14.48
C LEU A 114 -6.73 1.13 15.86
N LYS A 115 -7.64 0.74 16.82
CA LYS A 115 -7.26 0.32 18.17
C LYS A 115 -6.31 -0.89 18.17
N GLU A 116 -6.43 -1.75 17.13
CA GLU A 116 -5.55 -2.90 16.92
C GLU A 116 -4.18 -2.37 16.41
N PRO A 117 -3.04 -2.75 17.04
CA PRO A 117 -1.73 -2.24 16.60
C PRO A 117 -1.35 -2.65 15.16
N GLY A 118 -1.86 -3.81 14.72
CA GLY A 118 -1.67 -4.35 13.39
C GLY A 118 -2.33 -3.47 12.33
N ARG A 119 -3.53 -2.97 12.67
CA ARG A 119 -4.30 -2.07 11.82
C ARG A 119 -3.73 -0.66 11.86
N PHE A 120 -3.14 -0.25 13.00
CA PHE A 120 -2.52 1.07 13.08
C PHE A 120 -1.28 1.10 12.20
N LYS A 121 -0.44 0.04 12.28
CA LYS A 121 0.78 -0.12 11.49
C LYS A 121 0.39 -0.06 10.00
N ASP A 122 -0.76 -0.70 9.65
CA ASP A 122 -1.34 -0.71 8.30
C ASP A 122 -1.69 0.72 7.85
N PHE A 123 -2.45 1.48 8.66
CA PHE A 123 -2.80 2.87 8.36
C PHE A 123 -1.53 3.77 8.26
N TYR A 124 -0.58 3.57 9.19
CA TYR A 124 0.67 4.34 9.26
C TYR A 124 1.53 4.14 8.00
N GLN A 125 1.65 2.87 7.55
CA GLN A 125 2.41 2.57 6.32
C GLN A 125 1.69 3.04 5.05
N PHE A 126 0.35 2.95 5.03
CA PHE A 126 -0.51 3.46 3.96
C PHE A 126 -0.24 4.96 3.82
N THR A 127 -0.18 5.68 4.96
CA THR A 127 0.03 7.13 5.02
C THR A 127 1.26 7.56 4.21
N PHE A 128 2.39 6.86 4.37
CA PHE A 128 3.62 7.15 3.64
C PHE A 128 3.38 7.11 2.12
N ASN A 129 2.76 6.04 1.65
CA ASN A 129 2.50 5.83 0.21
C ASN A 129 1.49 6.83 -0.34
N PHE A 130 0.48 7.14 0.45
CA PHE A 130 -0.57 8.12 0.07
C PHE A 130 -0.01 9.55 0.00
N ALA A 131 0.86 9.91 0.96
CA ALA A 131 1.43 11.27 1.10
C ALA A 131 2.42 11.63 -0.01
N LYS A 132 3.18 10.64 -0.45
CA LYS A 132 4.25 10.84 -1.44
C LYS A 132 3.74 11.00 -2.88
N ASN A 133 4.65 11.37 -3.76
CA ASN A 133 4.37 11.46 -5.18
C ASN A 133 4.54 10.09 -5.80
N PRO A 134 3.62 9.64 -6.69
CA PRO A 134 3.88 8.38 -7.40
C PRO A 134 5.15 8.55 -8.25
N GLY A 135 5.96 7.50 -8.33
CA GLY A 135 7.19 7.52 -9.12
C GLY A 135 8.39 8.17 -8.48
N GLN A 136 8.30 8.50 -7.18
CA GLN A 136 9.39 9.12 -6.40
C GLN A 136 9.62 8.23 -5.16
N LYS A 137 10.85 7.79 -4.91
CA LYS A 137 11.16 6.85 -3.82
C LYS A 137 10.77 7.29 -2.38
N GLY A 138 11.13 8.50 -2.03
CA GLY A 138 10.95 8.96 -0.66
C GLY A 138 9.84 9.95 -0.45
N LEU A 139 9.64 10.33 0.79
CA LEU A 139 8.65 11.32 1.14
C LEU A 139 9.38 12.60 1.49
N ASP A 140 9.04 13.67 0.80
CA ASP A 140 9.52 15.02 1.10
C ASP A 140 9.38 15.31 2.63
N LEU A 141 10.45 15.79 3.28
CA LEU A 141 10.47 16.03 4.73
C LEU A 141 9.35 16.94 5.26
N GLU A 142 9.03 18.01 4.53
CA GLU A 142 7.97 18.94 4.92
C GLU A 142 6.64 18.20 4.99
N MET A 143 6.40 17.28 4.05
CA MET A 143 5.18 16.45 4.05
C MET A 143 5.30 15.34 5.07
N ALA A 144 6.49 14.77 5.29
CA ALA A 144 6.62 13.72 6.32
C ALA A 144 6.30 14.33 7.69
N ILE A 145 6.78 15.56 7.97
CA ILE A 145 6.49 16.25 9.24
C ILE A 145 4.99 16.48 9.42
N ALA A 146 4.33 17.00 8.38
CA ALA A 146 2.88 17.28 8.42
C ALA A 146 2.07 16.00 8.66
N TYR A 147 2.42 14.90 7.99
CA TYR A 147 1.73 13.62 8.20
C TYR A 147 2.08 13.00 9.54
N TRP A 148 3.35 13.09 9.98
CA TRP A 148 3.73 12.62 11.33
C TRP A 148 2.95 13.37 12.39
N ASN A 149 2.77 14.71 12.21
CA ASN A 149 1.99 15.51 13.17
C ASN A 149 0.53 15.12 13.17
N LEU A 150 0.04 14.61 12.05
CA LEU A 150 -1.36 14.21 11.88
C LEU A 150 -1.61 12.81 12.51
N VAL A 151 -0.72 11.83 12.25
CA VAL A 151 -0.85 10.45 12.71
C VAL A 151 -0.16 10.12 14.07
N LEU A 152 0.90 10.85 14.47
CA LEU A 152 1.65 10.56 15.71
C LEU A 152 1.52 11.60 16.83
N ASN A 153 0.81 12.72 16.59
CA ASN A 153 0.64 13.75 17.62
C ASN A 153 -0.21 13.17 18.76
N GLY A 154 0.36 13.18 19.96
CA GLY A 154 -0.26 12.59 21.14
C GLY A 154 0.09 11.13 21.33
N ARG A 155 0.81 10.52 20.35
CA ARG A 155 1.26 9.12 20.42
C ARG A 155 2.77 9.07 20.65
N PHE A 156 3.52 9.92 19.93
CA PHE A 156 4.97 9.96 20.03
C PHE A 156 5.41 11.13 20.88
N LYS A 157 6.01 10.81 22.03
CA LYS A 157 6.47 11.75 23.04
C LYS A 157 7.49 12.73 22.50
N PHE A 158 8.43 12.26 21.66
CA PHE A 158 9.50 13.13 21.15
C PHE A 158 9.26 13.66 19.73
N LEU A 159 7.98 13.71 19.29
CA LEU A 159 7.57 14.17 17.95
C LEU A 159 8.17 15.52 17.57
N ASP A 160 8.00 16.52 18.44
CA ASP A 160 8.54 17.87 18.23
C ASP A 160 10.05 17.85 18.06
N LEU A 161 10.80 17.18 18.96
CA LEU A 161 12.26 17.08 18.91
C LEU A 161 12.75 16.34 17.66
N TRP A 162 11.98 15.32 17.23
CA TRP A 162 12.27 14.52 16.03
C TRP A 162 12.16 15.38 14.77
N ASN A 163 11.07 16.16 14.66
CA ASN A 163 10.87 17.06 13.53
C ASN A 163 11.99 18.10 13.51
N LYS A 164 12.37 18.63 14.70
CA LYS A 164 13.47 19.61 14.80
C LYS A 164 14.80 19.02 14.38
N PHE A 165 15.14 17.81 14.89
CA PHE A 165 16.39 17.09 14.57
C PHE A 165 16.56 16.89 13.05
N LEU A 166 15.50 16.48 12.36
CA LEU A 166 15.52 16.23 10.92
C LEU A 166 15.66 17.52 10.11
N LEU A 167 15.07 18.63 10.60
CA LEU A 167 15.18 19.92 9.94
C LEU A 167 16.59 20.47 10.06
N GLU A 168 17.22 20.27 11.24
CA GLU A 168 18.57 20.72 11.57
C GLU A 168 19.64 20.00 10.75
N HIS A 169 19.47 18.70 10.55
CA HIS A 169 20.43 17.91 9.78
C HIS A 169 20.11 17.92 8.26
N HIS A 170 19.37 18.98 7.83
CA HIS A 170 18.98 19.35 6.47
C HIS A 170 18.55 18.18 5.59
N LYS A 171 17.85 17.22 6.20
CA LYS A 171 17.29 16.06 5.55
C LYS A 171 16.23 16.61 4.59
N ARG A 172 16.24 16.17 3.34
CA ARG A 172 15.25 16.69 2.39
C ARG A 172 14.13 15.68 2.13
N SER A 173 14.48 14.37 2.17
CA SER A 173 13.57 13.27 1.83
C SER A 173 13.68 12.12 2.84
N ILE A 174 12.55 11.51 3.17
CA ILE A 174 12.46 10.42 4.13
C ILE A 174 12.20 9.14 3.37
N PRO A 175 13.14 8.15 3.49
CA PRO A 175 12.90 6.85 2.86
C PRO A 175 11.85 6.09 3.67
N LYS A 176 11.22 5.11 3.03
CA LYS A 176 10.21 4.28 3.65
C LYS A 176 10.75 3.59 4.91
N ASP A 177 12.04 3.14 4.87
CA ASP A 177 12.69 2.52 6.02
C ASP A 177 12.72 3.46 7.21
N THR A 178 13.03 4.75 7.00
CA THR A 178 13.04 5.71 8.10
C THR A 178 11.63 5.90 8.68
N TRP A 179 10.62 6.04 7.80
CA TRP A 179 9.20 6.18 8.18
C TRP A 179 8.81 5.04 9.11
N ASN A 180 9.00 3.77 8.70
CA ASN A 180 8.62 2.60 9.51
C ASN A 180 9.47 2.47 10.79
N LEU A 181 10.78 2.76 10.75
CA LEU A 181 11.65 2.67 11.93
C LEU A 181 11.26 3.69 13.03
N LEU A 182 10.66 4.83 12.63
CA LEU A 182 10.21 5.81 13.60
C LEU A 182 9.04 5.30 14.43
N LEU A 183 8.08 4.56 13.82
CA LEU A 183 6.98 3.97 14.56
C LEU A 183 7.54 2.95 15.55
N ASP A 184 8.58 2.17 15.15
CA ASP A 184 9.25 1.19 16.02
C ASP A 184 9.89 1.92 17.20
N PHE A 185 10.61 3.01 16.94
CA PHE A 185 11.22 3.80 17.99
C PHE A 185 10.15 4.32 18.96
N SER A 186 9.09 4.96 18.40
CA SER A 186 7.94 5.56 19.08
C SER A 186 7.23 4.60 20.04
N THR A 187 7.06 3.34 19.61
CA THR A 187 6.33 2.35 20.38
C THR A 187 7.19 1.67 21.45
N MET A 188 8.52 1.65 21.25
CA MET A 188 9.42 0.95 22.17
C MET A 188 10.19 1.87 23.13
N ILE A 189 10.32 3.18 22.84
CA ILE A 189 11.10 4.12 23.66
C ILE A 189 10.38 4.57 24.94
N ALA A 190 11.13 4.58 26.04
CA ALA A 190 10.68 5.07 27.33
C ALA A 190 10.63 6.60 27.22
N ASP A 191 9.73 7.24 28.01
CA ASP A 191 9.59 8.71 28.08
C ASP A 191 10.90 9.41 28.48
N ASP A 192 11.80 8.72 29.21
CA ASP A 192 13.11 9.26 29.63
C ASP A 192 14.30 8.72 28.80
N MET A 193 14.03 7.80 27.82
CA MET A 193 14.97 7.15 26.88
C MET A 193 16.00 6.21 27.57
N SER A 194 15.71 5.78 28.81
CA SER A 194 16.58 4.89 29.61
C SER A 194 16.78 3.50 28.99
N ASN A 195 15.79 2.99 28.22
CA ASN A 195 15.86 1.66 27.59
C ASN A 195 16.50 1.71 26.19
N TYR A 196 17.19 2.82 25.84
CA TYR A 196 17.82 2.91 24.53
C TYR A 196 19.22 2.32 24.51
N ASP A 197 19.48 1.42 23.55
CA ASP A 197 20.80 0.80 23.36
C ASP A 197 21.43 1.32 22.07
N GLU A 198 22.51 2.12 22.19
CA GLU A 198 23.25 2.72 21.08
C GLU A 198 24.32 1.79 20.47
N GLU A 199 24.49 0.58 21.06
CA GLU A 199 25.49 -0.43 20.67
C GLU A 199 25.15 -1.22 19.39
N GLY A 200 24.92 -0.50 18.28
CA GLY A 200 24.67 -1.08 16.97
C GLY A 200 23.24 -1.43 16.60
N ALA A 201 22.43 -1.88 17.59
CA ALA A 201 21.04 -2.31 17.44
C ALA A 201 20.16 -1.41 16.55
N TRP A 202 20.31 -0.08 16.64
CA TRP A 202 19.55 0.85 15.82
C TRP A 202 20.45 1.52 14.79
N PRO A 203 19.93 1.96 13.60
CA PRO A 203 20.79 2.69 12.66
C PRO A 203 21.35 3.99 13.27
N VAL A 204 22.49 4.47 12.75
CA VAL A 204 23.21 5.67 13.20
C VAL A 204 22.30 6.95 13.24
N LEU A 205 21.28 7.07 12.37
CA LEU A 205 20.35 8.21 12.37
C LEU A 205 19.59 8.33 13.73
N ILE A 206 19.13 7.18 14.25
CA ILE A 206 18.37 7.11 15.49
C ILE A 206 19.34 7.24 16.69
N ASP A 207 20.60 6.74 16.55
CA ASP A 207 21.65 6.92 17.58
C ASP A 207 21.92 8.42 17.69
N ASP A 208 21.97 9.12 16.51
CA ASP A 208 22.16 10.57 16.45
C ASP A 208 20.98 11.33 17.06
N PHE A 209 19.71 10.89 16.82
CA PHE A 209 18.53 11.53 17.40
C PHE A 209 18.54 11.42 18.93
N VAL A 210 18.85 10.23 19.47
CA VAL A 210 18.90 10.02 20.93
C VAL A 210 19.98 10.95 21.56
N GLU A 211 21.16 11.07 20.91
CA GLU A 211 22.26 11.95 21.33
C GLU A 211 21.79 13.41 21.43
N PHE A 212 21.03 13.87 20.41
CA PHE A 212 20.45 15.21 20.31
C PHE A 212 19.34 15.46 21.34
N ALA A 213 18.40 14.52 21.51
CA ALA A 213 17.26 14.66 22.38
C ALA A 213 17.53 14.48 23.88
N ARG A 214 18.42 13.53 24.29
CA ARG A 214 18.73 13.27 25.71
C ARG A 214 19.03 14.55 26.56
N PRO A 215 19.91 15.51 26.16
CA PRO A 215 20.11 16.71 27.00
C PRO A 215 18.87 17.61 27.11
N GLN A 216 18.05 17.64 26.05
CA GLN A 216 16.85 18.46 25.95
C GLN A 216 15.64 17.91 26.74
N ILE A 217 15.78 16.75 27.43
CA ILE A 217 14.70 16.13 28.23
C ILE A 217 15.10 15.96 29.70
N ARG B 28 13.62 -10.42 19.71
CA ARG B 28 14.53 -11.44 20.24
C ARG B 28 15.95 -11.30 19.69
N LYS B 29 16.93 -11.82 20.46
CA LYS B 29 18.35 -11.80 20.13
C LYS B 29 18.70 -12.74 18.97
N LYS B 30 17.98 -13.88 18.88
CA LYS B 30 18.21 -14.89 17.84
C LYS B 30 17.73 -14.44 16.44
N LEU B 31 16.77 -13.48 16.40
CA LEU B 31 16.25 -12.92 15.17
C LEU B 31 17.32 -12.04 14.51
N GLU B 32 18.11 -11.32 15.33
CA GLU B 32 19.23 -10.47 14.88
C GLU B 32 20.33 -11.36 14.30
N GLN B 33 20.52 -12.57 14.88
CA GLN B 33 21.49 -13.58 14.43
C GLN B 33 20.97 -14.18 13.11
N LEU B 34 19.65 -14.46 13.03
CA LEU B 34 19.00 -14.95 11.82
C LEU B 34 19.07 -13.88 10.71
N TYR B 35 18.98 -12.57 11.06
CA TYR B 35 19.11 -11.47 10.08
C TYR B 35 20.51 -11.44 9.46
N ASN B 36 21.55 -11.72 10.30
CA ASN B 36 22.96 -11.78 9.91
C ASN B 36 23.27 -12.81 8.82
N ARG B 37 22.40 -13.82 8.68
CA ARG B 37 22.50 -14.87 7.65
C ARG B 37 22.18 -14.30 6.24
N TYR B 38 21.40 -13.20 6.16
CA TYR B 38 20.93 -12.68 4.88
C TYR B 38 21.45 -11.29 4.43
N LYS B 39 22.21 -10.55 5.26
CA LYS B 39 22.65 -9.19 4.89
C LYS B 39 23.70 -9.14 3.77
N ASP B 40 23.65 -8.08 2.96
CA ASP B 40 24.57 -7.82 1.84
C ASP B 40 25.90 -7.20 2.37
N PRO B 41 27.05 -7.92 2.25
CA PRO B 41 28.31 -7.36 2.76
C PRO B 41 28.90 -6.32 1.80
N LYS B 46 20.27 -3.76 4.57
CA LYS B 46 19.50 -4.46 3.53
C LYS B 46 19.96 -5.90 3.24
N ILE B 47 19.03 -6.71 2.72
CA ILE B 47 19.22 -8.09 2.29
C ILE B 47 19.38 -8.02 0.77
N GLY B 48 20.55 -8.45 0.27
CA GLY B 48 20.86 -8.46 -1.15
C GLY B 48 20.15 -9.57 -1.91
N ILE B 49 20.38 -9.70 -3.23
CA ILE B 49 19.76 -10.74 -4.05
C ILE B 49 20.12 -12.15 -3.51
N ASP B 50 21.40 -12.36 -3.07
CA ASP B 50 21.86 -13.63 -2.51
C ASP B 50 21.13 -13.96 -1.21
N GLY B 51 20.94 -12.93 -0.38
CA GLY B 51 20.21 -13.05 0.88
C GLY B 51 18.74 -13.38 0.68
N ILE B 52 18.07 -12.73 -0.32
CA ILE B 52 16.64 -12.98 -0.62
C ILE B 52 16.50 -14.42 -1.13
N GLN B 53 17.42 -14.84 -2.01
CA GLN B 53 17.46 -16.19 -2.57
C GLN B 53 17.62 -17.21 -1.43
N GLN B 54 18.54 -16.92 -0.48
CA GLN B 54 18.82 -17.77 0.70
C GLN B 54 17.58 -17.91 1.59
N PHE B 55 16.83 -16.79 1.80
CA PHE B 55 15.60 -16.73 2.57
C PHE B 55 14.51 -17.61 1.93
N CYS B 56 14.39 -17.55 0.58
CA CYS B 56 13.43 -18.35 -0.17
C CYS B 56 13.80 -19.84 -0.15
N ASP B 57 15.12 -20.15 -0.15
CA ASP B 57 15.64 -21.52 -0.06
C ASP B 57 15.27 -22.16 1.27
N ASP B 58 15.45 -21.42 2.39
CA ASP B 58 15.15 -21.85 3.77
C ASP B 58 13.66 -22.15 3.97
N LEU B 59 12.76 -21.44 3.23
CA LEU B 59 11.31 -21.64 3.23
C LEU B 59 10.89 -22.74 2.23
N ALA B 60 11.90 -23.26 1.47
CA ALA B 60 11.74 -24.28 0.43
C ALA B 60 10.73 -23.82 -0.64
N LEU B 61 10.80 -22.52 -0.99
CA LEU B 61 9.92 -21.89 -1.97
C LEU B 61 10.72 -21.27 -3.10
N ASP B 62 10.14 -21.25 -4.31
CA ASP B 62 10.77 -20.61 -5.45
C ASP B 62 10.67 -19.09 -5.23
N PRO B 63 11.74 -18.31 -5.53
CA PRO B 63 11.66 -16.84 -5.32
C PRO B 63 10.59 -16.09 -6.14
N ALA B 64 10.07 -16.70 -7.22
CA ALA B 64 9.05 -16.12 -8.11
C ALA B 64 7.65 -16.73 -7.92
N SER B 65 7.46 -17.52 -6.86
CA SER B 65 6.17 -18.16 -6.57
C SER B 65 5.18 -17.17 -5.94
N ILE B 66 3.88 -17.50 -6.00
CA ILE B 66 2.84 -16.69 -5.40
C ILE B 66 2.92 -16.78 -3.86
N SER B 67 3.51 -17.88 -3.31
CA SER B 67 3.69 -18.10 -1.86
C SER B 67 4.69 -17.09 -1.32
N VAL B 68 5.76 -16.85 -2.09
CA VAL B 68 6.77 -15.85 -1.74
C VAL B 68 6.17 -14.41 -1.86
N LEU B 69 5.26 -14.20 -2.84
CA LEU B 69 4.55 -12.94 -3.08
C LEU B 69 3.61 -12.65 -1.91
N ILE B 70 2.96 -13.71 -1.37
CA ILE B 70 2.09 -13.62 -0.20
C ILE B 70 2.93 -13.24 1.03
N ILE B 71 4.16 -13.81 1.17
CA ILE B 71 5.07 -13.50 2.27
C ILE B 71 5.45 -12.00 2.21
N ALA B 72 5.83 -11.51 1.01
CA ALA B 72 6.17 -10.09 0.80
C ALA B 72 4.99 -9.18 1.18
N TRP B 73 3.76 -9.63 0.83
CA TRP B 73 2.53 -8.94 1.18
C TRP B 73 2.39 -8.86 2.71
N LYS B 74 2.65 -9.99 3.41
CA LYS B 74 2.56 -10.06 4.88
C LYS B 74 3.70 -9.32 5.59
N PHE B 75 4.82 -9.08 4.89
CA PHE B 75 5.96 -8.35 5.43
C PHE B 75 5.84 -6.92 4.98
N ARG B 76 4.76 -6.59 4.23
CA ARG B 76 4.48 -5.25 3.70
C ARG B 76 5.71 -4.71 2.91
N ALA B 77 6.43 -5.61 2.20
CA ALA B 77 7.65 -5.26 1.46
C ALA B 77 7.38 -4.24 0.38
N ALA B 78 8.23 -3.23 0.28
CA ALA B 78 8.04 -2.17 -0.71
C ALA B 78 8.29 -2.58 -2.16
N THR B 79 9.38 -3.33 -2.45
CA THR B 79 9.74 -3.61 -3.85
C THR B 79 10.30 -4.98 -4.05
N GLN B 80 9.91 -5.62 -5.18
CA GLN B 80 10.44 -6.93 -5.57
C GLN B 80 11.95 -6.83 -5.69
N CYS B 81 12.65 -7.84 -5.14
CA CYS B 81 14.12 -7.98 -5.17
C CYS B 81 14.84 -7.04 -4.24
N GLU B 82 14.11 -6.46 -3.29
CA GLU B 82 14.65 -5.58 -2.26
C GLU B 82 14.00 -6.06 -0.98
N PHE B 83 14.73 -6.10 0.14
CA PHE B 83 14.22 -6.57 1.41
C PHE B 83 15.12 -5.95 2.46
N SER B 84 14.62 -4.93 3.16
CA SER B 84 15.41 -4.20 4.16
C SER B 84 15.48 -4.90 5.51
N LYS B 85 16.39 -4.43 6.40
CA LYS B 85 16.50 -4.93 7.78
C LYS B 85 15.22 -4.60 8.52
N GLN B 86 14.69 -3.37 8.33
CA GLN B 86 13.44 -2.88 8.93
C GLN B 86 12.29 -3.85 8.58
N GLU B 87 12.07 -4.10 7.25
CA GLU B 87 11.03 -5.02 6.75
C GLU B 87 11.13 -6.42 7.33
N PHE B 88 12.35 -7.01 7.32
CA PHE B 88 12.63 -8.33 7.85
C PHE B 88 12.35 -8.39 9.35
N MET B 89 12.91 -7.46 10.14
CA MET B 89 12.72 -7.42 11.60
C MET B 89 11.28 -7.15 12.01
N ASP B 90 10.60 -6.20 11.34
CA ASP B 90 9.20 -5.88 11.64
C ASP B 90 8.23 -7.00 11.24
N GLY B 91 8.42 -7.55 10.04
CA GLY B 91 7.60 -8.63 9.49
C GLY B 91 7.60 -9.86 10.38
N MET B 92 8.81 -10.33 10.77
CA MET B 92 8.98 -11.51 11.62
C MET B 92 8.31 -11.31 12.97
N THR B 93 8.47 -10.11 13.57
CA THR B 93 7.90 -9.73 14.87
C THR B 93 6.38 -9.68 14.81
N GLU B 94 5.81 -8.99 13.80
CA GLU B 94 4.35 -8.88 13.62
C GLU B 94 3.66 -10.25 13.39
N LEU B 95 4.37 -11.21 12.77
CA LEU B 95 3.84 -12.54 12.53
C LEU B 95 4.13 -13.52 13.69
N GLY B 96 4.83 -13.02 14.72
CA GLY B 96 5.20 -13.79 15.91
C GLY B 96 6.13 -14.96 15.63
N CYS B 97 7.10 -14.75 14.71
CA CYS B 97 8.07 -15.77 14.29
C CYS B 97 9.49 -15.33 14.62
N ASP B 98 10.27 -16.23 15.24
CA ASP B 98 11.65 -16.00 15.63
C ASP B 98 12.64 -16.88 14.84
N SER B 99 12.10 -17.69 13.91
CA SER B 99 12.88 -18.60 13.07
C SER B 99 12.19 -18.83 11.73
N ILE B 100 12.91 -19.43 10.77
CA ILE B 100 12.37 -19.75 9.44
C ILE B 100 11.25 -20.81 9.51
N GLU B 101 11.43 -21.84 10.38
CA GLU B 101 10.50 -22.94 10.62
C GLU B 101 9.14 -22.43 11.09
N LYS B 102 9.12 -21.44 12.01
CA LYS B 102 7.88 -20.79 12.50
C LYS B 102 7.19 -20.00 11.37
N LEU B 103 7.98 -19.26 10.57
CA LEU B 103 7.46 -18.51 9.40
C LEU B 103 6.85 -19.47 8.38
N LYS B 104 7.50 -20.63 8.13
CA LYS B 104 7.04 -21.65 7.19
C LYS B 104 5.64 -22.17 7.54
N ALA B 105 5.44 -22.62 8.81
CA ALA B 105 4.16 -23.12 9.33
C ALA B 105 3.05 -22.06 9.24
N GLN B 106 3.41 -20.76 9.30
CA GLN B 106 2.49 -19.63 9.17
C GLN B 106 1.98 -19.40 7.73
N ILE B 107 2.61 -20.02 6.69
CA ILE B 107 2.22 -19.83 5.25
C ILE B 107 0.78 -20.34 4.94
N PRO B 108 0.32 -21.57 5.30
CA PRO B 108 -1.09 -21.95 4.99
C PRO B 108 -2.15 -20.97 5.48
N LYS B 109 -1.88 -20.27 6.61
CA LYS B 109 -2.75 -19.26 7.23
C LYS B 109 -2.82 -18.02 6.34
N MET B 110 -1.66 -17.63 5.80
CA MET B 110 -1.54 -16.49 4.89
C MET B 110 -2.40 -16.72 3.65
N GLU B 111 -2.24 -17.89 3.01
CA GLU B 111 -2.98 -18.29 1.81
C GLU B 111 -4.50 -18.35 2.06
N GLN B 112 -4.92 -18.91 3.23
CA GLN B 112 -6.32 -19.07 3.65
C GLN B 112 -7.06 -17.72 3.73
N GLU B 113 -6.37 -16.68 4.27
CA GLU B 113 -6.81 -15.29 4.41
C GLU B 113 -7.25 -14.69 3.06
N LEU B 114 -6.61 -15.13 1.96
CA LEU B 114 -6.89 -14.66 0.60
C LEU B 114 -8.20 -15.20 -0.02
N LYS B 115 -8.91 -16.10 0.67
CA LYS B 115 -10.19 -16.66 0.20
C LYS B 115 -11.28 -15.58 0.25
N GLU B 116 -11.19 -14.69 1.25
CA GLU B 116 -12.10 -13.58 1.47
C GLU B 116 -11.90 -12.42 0.48
N PRO B 117 -13.00 -11.91 -0.13
CA PRO B 117 -12.85 -10.70 -0.96
C PRO B 117 -12.62 -9.52 -0.02
N GLY B 118 -11.74 -8.62 -0.43
CA GLY B 118 -11.31 -7.50 0.39
C GLY B 118 -9.86 -7.75 0.75
N ARG B 119 -9.57 -8.97 1.25
CA ARG B 119 -8.21 -9.42 1.56
C ARG B 119 -7.48 -9.72 0.25
N PHE B 120 -8.17 -10.30 -0.76
CA PHE B 120 -7.56 -10.56 -2.06
C PHE B 120 -7.36 -9.24 -2.80
N LYS B 121 -8.34 -8.33 -2.73
CA LYS B 121 -8.29 -6.99 -3.32
C LYS B 121 -7.08 -6.23 -2.76
N ASP B 122 -6.78 -6.45 -1.46
CA ASP B 122 -5.64 -5.85 -0.75
C ASP B 122 -4.30 -6.38 -1.29
N PHE B 123 -4.18 -7.72 -1.38
CA PHE B 123 -3.00 -8.38 -1.92
C PHE B 123 -2.84 -8.02 -3.40
N TYR B 124 -3.94 -7.98 -4.15
CA TYR B 124 -3.93 -7.64 -5.57
C TYR B 124 -3.40 -6.21 -5.80
N GLN B 125 -3.89 -5.23 -5.06
CA GLN B 125 -3.44 -3.85 -5.20
C GLN B 125 -2.01 -3.66 -4.71
N PHE B 126 -1.62 -4.36 -3.62
CA PHE B 126 -0.24 -4.35 -3.10
C PHE B 126 0.73 -4.87 -4.20
N THR B 127 0.31 -5.91 -4.97
CA THR B 127 1.13 -6.52 -6.01
C THR B 127 1.66 -5.47 -7.01
N PHE B 128 0.82 -4.49 -7.39
CA PHE B 128 1.18 -3.41 -8.32
C PHE B 128 2.37 -2.62 -7.74
N ASN B 129 2.25 -2.18 -6.45
CA ASN B 129 3.30 -1.36 -5.84
C ASN B 129 4.58 -2.12 -5.61
N PHE B 130 4.46 -3.41 -5.25
CA PHE B 130 5.61 -4.26 -5.04
C PHE B 130 6.34 -4.63 -6.36
N ALA B 131 5.57 -4.92 -7.43
CA ALA B 131 6.14 -5.31 -8.74
C ALA B 131 6.93 -4.21 -9.44
N LYS B 132 6.44 -2.98 -9.33
CA LYS B 132 6.96 -1.86 -10.09
C LYS B 132 8.28 -1.26 -9.60
N ASN B 133 8.90 -0.54 -10.52
CA ASN B 133 10.11 0.24 -10.37
C ASN B 133 9.69 1.43 -9.46
N PRO B 134 10.37 1.64 -8.31
CA PRO B 134 9.98 2.77 -7.43
C PRO B 134 10.14 4.19 -8.01
N GLY B 135 10.97 4.32 -9.04
CA GLY B 135 11.19 5.62 -9.67
C GLY B 135 10.29 5.93 -10.86
N GLN B 136 9.24 5.10 -11.08
CA GLN B 136 8.28 5.25 -12.20
C GLN B 136 6.86 5.30 -11.63
N LYS B 137 5.95 6.02 -12.28
CA LYS B 137 4.58 6.09 -11.81
C LYS B 137 3.80 4.82 -12.16
N GLY B 138 4.08 4.27 -13.32
CA GLY B 138 3.38 3.12 -13.85
C GLY B 138 4.14 1.83 -13.70
N LEU B 139 3.45 0.74 -13.95
CA LEU B 139 4.03 -0.58 -13.93
C LEU B 139 4.30 -0.99 -15.35
N ASP B 140 5.52 -1.37 -15.60
CA ASP B 140 6.01 -1.90 -16.85
C ASP B 140 5.02 -3.00 -17.31
N LEU B 141 4.54 -2.94 -18.54
CA LEU B 141 3.53 -3.87 -19.06
C LEU B 141 4.00 -5.33 -19.09
N GLU B 142 5.27 -5.57 -19.43
CA GLU B 142 5.84 -6.91 -19.41
C GLU B 142 5.79 -7.49 -18.02
N MET B 143 6.18 -6.70 -17.00
CA MET B 143 6.08 -7.12 -15.59
C MET B 143 4.62 -7.25 -15.15
N ALA B 144 3.73 -6.35 -15.63
CA ALA B 144 2.31 -6.40 -15.34
C ALA B 144 1.73 -7.76 -15.78
N ILE B 145 2.09 -8.22 -17.01
CA ILE B 145 1.66 -9.51 -17.55
C ILE B 145 2.15 -10.65 -16.63
N ALA B 146 3.44 -10.61 -16.29
CA ALA B 146 4.06 -11.63 -15.44
C ALA B 146 3.39 -11.76 -14.04
N TYR B 147 3.04 -10.62 -13.40
CA TYR B 147 2.38 -10.69 -12.08
C TYR B 147 0.92 -11.06 -12.20
N TRP B 148 0.23 -10.59 -13.27
CA TRP B 148 -1.16 -10.95 -13.57
C TRP B 148 -1.30 -12.47 -13.74
N ASN B 149 -0.29 -13.12 -14.38
CA ASN B 149 -0.27 -14.58 -14.56
C ASN B 149 -0.05 -15.31 -13.22
N LEU B 150 0.45 -14.62 -12.20
CA LEU B 150 0.55 -15.22 -10.88
C LEU B 150 -0.72 -14.95 -10.06
N VAL B 151 -1.17 -13.67 -9.95
CA VAL B 151 -2.30 -13.35 -9.05
C VAL B 151 -3.71 -13.61 -9.65
N LEU B 152 -3.87 -13.55 -10.98
CA LEU B 152 -5.19 -13.78 -11.59
C LEU B 152 -5.34 -15.17 -12.14
N ASN B 153 -4.35 -16.03 -11.91
CA ASN B 153 -4.33 -17.41 -12.34
C ASN B 153 -5.50 -18.16 -11.69
N GLY B 154 -6.41 -18.67 -12.51
CA GLY B 154 -7.60 -19.41 -12.07
C GLY B 154 -8.72 -18.53 -11.51
N ARG B 155 -8.59 -17.21 -11.65
CA ARG B 155 -9.58 -16.26 -11.14
C ARG B 155 -10.06 -15.26 -12.23
N PHE B 156 -9.57 -15.39 -13.44
CA PHE B 156 -9.93 -14.48 -14.54
C PHE B 156 -10.12 -15.33 -15.75
N LYS B 157 -11.39 -15.55 -16.12
CA LYS B 157 -11.77 -16.43 -17.23
C LYS B 157 -11.20 -16.03 -18.57
N PHE B 158 -10.83 -14.74 -18.75
CA PHE B 158 -10.27 -14.33 -20.04
C PHE B 158 -8.77 -14.10 -19.94
N LEU B 159 -8.08 -14.71 -18.94
CA LEU B 159 -6.63 -14.53 -18.73
C LEU B 159 -5.84 -15.01 -19.96
N ASP B 160 -6.20 -16.17 -20.53
CA ASP B 160 -5.55 -16.67 -21.76
C ASP B 160 -5.65 -15.64 -22.89
N LEU B 161 -6.86 -15.09 -23.12
CA LEU B 161 -7.12 -14.10 -24.17
C LEU B 161 -6.46 -12.75 -23.88
N TRP B 162 -6.35 -12.41 -22.59
CA TRP B 162 -5.68 -11.21 -22.10
C TRP B 162 -4.19 -11.26 -22.51
N ASN B 163 -3.53 -12.42 -22.25
CA ASN B 163 -2.14 -12.72 -22.63
C ASN B 163 -1.96 -12.61 -24.15
N LYS B 164 -2.90 -13.19 -24.92
CA LYS B 164 -2.87 -13.13 -26.40
C LYS B 164 -3.02 -11.69 -26.89
N PHE B 165 -3.93 -10.91 -26.29
CA PHE B 165 -4.16 -9.50 -26.63
C PHE B 165 -2.90 -8.65 -26.46
N LEU B 166 -2.19 -8.84 -25.32
CA LEU B 166 -0.98 -8.10 -24.98
C LEU B 166 0.32 -8.67 -25.57
N LEU B 167 0.25 -9.83 -26.26
CA LEU B 167 1.39 -10.54 -26.86
C LEU B 167 2.40 -9.63 -27.55
N GLU B 168 1.92 -8.67 -28.37
CA GLU B 168 2.80 -7.76 -29.09
C GLU B 168 2.47 -6.27 -28.83
N HIS B 169 1.82 -5.94 -27.67
CA HIS B 169 1.40 -4.56 -27.39
C HIS B 169 2.55 -3.55 -27.30
N HIS B 170 2.29 -2.36 -27.87
CA HIS B 170 3.27 -1.26 -27.95
C HIS B 170 3.32 -0.41 -26.68
N LYS B 171 2.26 -0.45 -25.85
CA LYS B 171 2.18 0.28 -24.59
C LYS B 171 3.31 -0.17 -23.67
N ARG B 172 4.02 0.78 -23.09
CA ARG B 172 5.15 0.53 -22.22
C ARG B 172 4.76 0.18 -20.79
N SER B 173 3.87 1.01 -20.19
CA SER B 173 3.49 0.86 -18.79
C SER B 173 1.98 1.08 -18.52
N ILE B 174 1.52 0.55 -17.41
CA ILE B 174 0.13 0.47 -16.93
C ILE B 174 0.02 1.37 -15.65
N PRO B 175 -0.88 2.37 -15.63
CA PRO B 175 -1.05 3.16 -14.38
C PRO B 175 -1.82 2.29 -13.38
N LYS B 176 -1.76 2.67 -12.11
CA LYS B 176 -2.42 2.01 -10.99
C LYS B 176 -3.94 1.91 -11.28
N ASP B 177 -4.52 2.96 -11.88
CA ASP B 177 -5.93 2.98 -12.23
C ASP B 177 -6.31 1.78 -13.12
N THR B 178 -5.50 1.51 -14.16
CA THR B 178 -5.77 0.40 -15.08
C THR B 178 -5.64 -0.96 -14.37
N TRP B 179 -4.59 -1.12 -13.53
CA TRP B 179 -4.35 -2.35 -12.77
C TRP B 179 -5.54 -2.64 -11.90
N ASN B 180 -6.02 -1.63 -11.14
CA ASN B 180 -7.17 -1.80 -10.25
C ASN B 180 -8.44 -2.19 -11.02
N LEU B 181 -8.70 -1.50 -12.14
CA LEU B 181 -9.86 -1.74 -13.00
C LEU B 181 -9.85 -3.10 -13.68
N LEU B 182 -8.66 -3.73 -13.89
CA LEU B 182 -8.64 -5.06 -14.47
C LEU B 182 -9.27 -6.10 -13.51
N LEU B 183 -9.03 -5.94 -12.17
CA LEU B 183 -9.64 -6.84 -11.19
C LEU B 183 -11.16 -6.64 -11.24
N ASP B 184 -11.64 -5.37 -11.34
CA ASP B 184 -13.08 -5.06 -11.45
C ASP B 184 -13.66 -5.69 -12.71
N PHE B 185 -12.90 -5.63 -13.82
CA PHE B 185 -13.29 -6.23 -15.09
C PHE B 185 -13.45 -7.74 -14.89
N SER B 186 -12.42 -8.41 -14.32
CA SER B 186 -12.39 -9.85 -14.03
C SER B 186 -13.60 -10.36 -13.20
N THR B 187 -14.03 -9.59 -12.19
CA THR B 187 -15.13 -10.02 -11.30
C THR B 187 -16.52 -9.77 -11.90
N MET B 188 -16.69 -8.74 -12.75
CA MET B 188 -18.02 -8.40 -13.29
C MET B 188 -18.32 -8.96 -14.69
N ILE B 189 -17.29 -9.28 -15.48
CA ILE B 189 -17.46 -9.64 -16.88
C ILE B 189 -18.18 -10.97 -17.08
N ALA B 190 -19.22 -10.97 -17.94
CA ALA B 190 -20.00 -12.15 -18.33
C ALA B 190 -19.16 -12.89 -19.37
N ASP B 191 -19.33 -14.22 -19.50
CA ASP B 191 -18.63 -15.07 -20.48
C ASP B 191 -18.74 -14.58 -21.91
N ASP B 192 -19.91 -14.03 -22.27
CA ASP B 192 -20.17 -13.53 -23.62
C ASP B 192 -19.89 -12.03 -23.75
N MET B 193 -19.36 -11.40 -22.66
CA MET B 193 -19.02 -9.97 -22.55
C MET B 193 -20.20 -9.03 -22.86
N SER B 194 -21.43 -9.48 -22.59
CA SER B 194 -22.66 -8.75 -22.88
C SER B 194 -22.88 -7.51 -22.01
N ASN B 195 -22.40 -7.55 -20.76
CA ASN B 195 -22.58 -6.46 -19.80
C ASN B 195 -21.47 -5.39 -19.87
N TYR B 196 -20.57 -5.48 -20.87
CA TYR B 196 -19.51 -4.49 -21.05
C TYR B 196 -20.02 -3.22 -21.75
N ASP B 197 -19.70 -2.05 -21.18
CA ASP B 197 -20.06 -0.75 -21.77
C ASP B 197 -18.81 0.03 -22.11
N GLU B 198 -18.58 0.28 -23.42
CA GLU B 198 -17.45 1.06 -23.94
C GLU B 198 -17.60 2.58 -23.73
N GLU B 199 -18.74 3.00 -23.11
CA GLU B 199 -19.18 4.36 -22.76
C GLU B 199 -18.06 5.33 -22.35
N GLY B 200 -17.13 4.87 -21.51
CA GLY B 200 -16.01 5.69 -21.06
C GLY B 200 -15.56 5.51 -19.62
N ALA B 201 -16.09 4.49 -18.92
CA ALA B 201 -15.70 4.22 -17.53
C ALA B 201 -14.38 3.44 -17.48
N TRP B 202 -14.17 2.53 -18.44
CA TRP B 202 -12.99 1.69 -18.53
C TRP B 202 -11.84 2.32 -19.30
N PRO B 203 -10.57 1.97 -19.00
CA PRO B 203 -9.46 2.49 -19.81
C PRO B 203 -9.53 1.94 -21.24
N VAL B 204 -8.97 2.71 -22.20
CA VAL B 204 -8.96 2.36 -23.62
C VAL B 204 -8.32 0.98 -23.81
N LEU B 205 -7.31 0.61 -22.95
CA LEU B 205 -6.68 -0.72 -23.00
C LEU B 205 -7.71 -1.85 -22.86
N ILE B 206 -8.64 -1.73 -21.90
CA ILE B 206 -9.68 -2.73 -21.67
C ILE B 206 -10.75 -2.62 -22.78
N ASP B 207 -11.08 -1.39 -23.27
CA ASP B 207 -12.01 -1.18 -24.41
C ASP B 207 -11.47 -1.93 -25.67
N ASP B 208 -10.15 -1.79 -25.92
CA ASP B 208 -9.50 -2.45 -27.05
C ASP B 208 -9.48 -3.95 -26.87
N PHE B 209 -9.38 -4.43 -25.60
CA PHE B 209 -9.40 -5.85 -25.33
C PHE B 209 -10.75 -6.45 -25.69
N VAL B 210 -11.86 -5.79 -25.29
CA VAL B 210 -13.22 -6.23 -25.55
C VAL B 210 -13.51 -6.25 -27.06
N GLU B 211 -13.00 -5.24 -27.82
CA GLU B 211 -13.12 -5.17 -29.28
C GLU B 211 -12.36 -6.37 -29.89
N PHE B 212 -11.16 -6.69 -29.36
CA PHE B 212 -10.34 -7.82 -29.80
C PHE B 212 -11.02 -9.17 -29.45
N ALA B 213 -11.52 -9.30 -28.22
CA ALA B 213 -12.10 -10.54 -27.68
C ALA B 213 -13.48 -10.89 -28.21
N ARG B 214 -14.39 -9.89 -28.39
CA ARG B 214 -15.76 -10.13 -28.89
C ARG B 214 -15.82 -11.05 -30.11
N PRO B 215 -15.04 -10.83 -31.21
CA PRO B 215 -15.07 -11.76 -32.35
C PRO B 215 -14.50 -13.15 -32.03
N GLN B 216 -13.64 -13.26 -31.01
CA GLN B 216 -13.08 -14.57 -30.66
C GLN B 216 -14.04 -15.43 -29.82
N ILE B 217 -14.77 -14.80 -28.89
CA ILE B 217 -15.71 -15.47 -27.98
C ILE B 217 -17.08 -15.67 -28.63
#